data_3SMJ
#
_entry.id   3SMJ
#
_cell.length_a   39.473
_cell.length_b   67.755
_cell.length_c   144.803
_cell.angle_alpha   90.00
_cell.angle_beta   90.00
_cell.angle_gamma   90.00
#
_symmetry.space_group_name_H-M   'P 21 21 21'
#
loop_
_entity.id
_entity.type
_entity.pdbx_description
1 polymer 'Poly [ADP-ribose] polymerase 14'
2 non-polymer 2-methyl-3,5,6,7-tetrahydro-4H-cyclopenta[4,5]thieno[2,3-d]pyrimidin-4-one
3 non-polymer GLYCEROL
4 water water
#
_entity_poly.entity_id   1
_entity_poly.type   'polypeptide(L)'
_entity_poly.pdbx_seq_one_letter_code
;SMDMKQQNFCVVELLPSDPEYNTVASKFNQTCSHFRIEKIERIQNPDLWNSYQAKKKTMDAKNGQTMNEKQLFHGTDAGS
VPHVNRNGFNRSYAGKNAVAYGKGTYFAVNANYSANDTYSRPDANGRKHVYYVRVLTGIYTHGNHSLIVPPSKNPQNPTD
LYDTVTDNVHHPSLFVAFYDYQAYPEYLITFRK
;
_entity_poly.pdbx_strand_id   A,B
#
loop_
_chem_comp.id
_chem_comp.type
_chem_comp.name
_chem_comp.formula
FDR non-polymer 2-methyl-3,5,6,7-tetrahydro-4H-cyclopenta[4,5]thieno[2,3-d]pyrimidin-4-one 'C10 H10 N2 O S'
GOL non-polymer GLYCEROL 'C3 H8 O3'
#
# COMPACT_ATOMS: atom_id res chain seq x y z
N GLN A 6 3.59 -9.81 11.34
CA GLN A 6 5.10 -9.73 11.29
C GLN A 6 5.55 -8.55 10.40
N GLN A 7 6.46 -7.75 10.93
CA GLN A 7 6.92 -6.51 10.33
C GLN A 7 5.75 -5.58 9.99
N ASN A 8 4.78 -5.54 10.91
CA ASN A 8 3.75 -4.50 10.90
C ASN A 8 4.37 -3.14 10.80
N PHE A 9 3.59 -2.17 10.34
CA PHE A 9 4.13 -0.85 10.06
C PHE A 9 3.08 0.24 10.22
N CYS A 10 3.56 1.45 10.38
CA CYS A 10 2.73 2.63 10.36
C CYS A 10 3.30 3.62 9.38
N VAL A 11 2.42 4.51 8.92
CA VAL A 11 2.79 5.52 7.97
C VAL A 11 2.39 6.85 8.55
N VAL A 12 3.32 7.79 8.60
CA VAL A 12 3.07 9.12 9.19
C VAL A 12 3.42 10.16 8.18
N GLU A 13 2.55 11.12 7.91
CA GLU A 13 2.86 12.21 7.01
C GLU A 13 3.95 13.12 7.60
N LEU A 14 4.97 13.42 6.80
CA LEU A 14 5.98 14.42 7.12
C LEU A 14 5.49 15.75 6.58
N LEU A 15 5.18 16.66 7.51
CA LEU A 15 4.66 17.93 7.14
C LEU A 15 5.77 18.92 6.81
N PRO A 16 5.45 19.97 6.02
CA PRO A 16 6.42 20.99 5.69
C PRO A 16 7.12 21.63 6.91
N SER A 17 6.42 21.68 8.04
CA SER A 17 6.96 22.19 9.27
C SER A 17 7.77 21.20 10.09
N ASP A 18 7.83 19.91 9.71
CA ASP A 18 8.62 18.95 10.47
C ASP A 18 10.11 19.10 10.17
N PRO A 19 10.99 18.81 11.16
CA PRO A 19 12.41 19.11 11.04
C PRO A 19 13.10 18.57 9.78
N GLU A 20 12.65 17.40 9.29
CA GLU A 20 13.34 16.66 8.23
C GLU A 20 12.84 17.03 6.84
N TYR A 21 11.75 17.77 6.78
CA TYR A 21 11.16 18.05 5.48
C TYR A 21 12.08 18.83 4.54
N ASN A 22 12.71 19.83 5.05
CA ASN A 22 13.50 20.67 4.16
C ASN A 22 14.58 19.80 3.51
N THR A 23 15.18 18.91 4.29
CA THR A 23 16.25 18.06 3.79
C THR A 23 15.74 17.03 2.77
N VAL A 24 14.65 16.34 3.05
CA VAL A 24 14.13 15.34 2.11
C VAL A 24 13.67 16.00 0.83
N ALA A 25 12.85 17.03 0.95
CA ALA A 25 12.39 17.75 -0.23
C ALA A 25 13.52 18.35 -1.02
N SER A 26 14.53 18.92 -0.35
CA SER A 26 15.67 19.55 -1.04
C SER A 26 16.41 18.52 -1.86
N LYS A 27 16.63 17.31 -1.31
CA LYS A 27 17.33 16.29 -2.10
C LYS A 27 16.54 15.89 -3.32
N PHE A 28 15.24 15.65 -3.16
CA PHE A 28 14.41 15.32 -4.30
C PHE A 28 14.45 16.43 -5.34
N ASN A 29 14.32 17.66 -4.86
CA ASN A 29 14.27 18.81 -5.78
C ASN A 29 15.59 19.20 -6.48
N GLN A 30 16.69 18.58 -6.10
CA GLN A 30 17.95 18.81 -6.77
C GLN A 30 17.79 18.42 -8.24
N THR A 31 17.05 17.36 -8.53
CA THR A 31 16.81 16.90 -9.91
C THR A 31 15.35 16.81 -10.29
N CYS A 32 14.42 16.95 -9.36
CA CYS A 32 13.01 16.81 -9.64
C CYS A 32 12.15 18.06 -9.32
N SER A 33 12.77 19.24 -9.40
CA SER A 33 12.02 20.48 -9.11
C SER A 33 10.92 20.77 -10.13
N HIS A 34 10.98 20.14 -11.30
CA HIS A 34 9.93 20.25 -12.32
C HIS A 34 8.69 19.40 -12.03
N PHE A 35 8.72 18.57 -11.00
CA PHE A 35 7.56 17.85 -10.53
C PHE A 35 6.97 18.58 -9.33
N ARG A 36 5.72 18.29 -8.99
CA ARG A 36 5.12 18.88 -7.79
C ARG A 36 4.89 17.78 -6.76
N ILE A 37 5.41 18.04 -5.56
CA ILE A 37 5.27 17.09 -4.49
C ILE A 37 3.89 17.21 -3.89
N GLU A 38 3.21 16.09 -3.72
CA GLU A 38 1.90 16.04 -3.08
C GLU A 38 1.94 15.64 -1.62
N LYS A 39 2.82 14.72 -1.26
CA LYS A 39 2.91 14.24 0.11
C LYS A 39 4.29 13.60 0.31
N ILE A 40 4.83 13.73 1.51
CA ILE A 40 6.00 12.93 1.94
C ILE A 40 5.60 12.22 3.19
N GLU A 41 5.88 10.94 3.28
CA GLU A 41 5.53 10.13 4.43
C GLU A 41 6.74 9.43 4.98
N ARG A 42 6.74 9.18 6.29
CA ARG A 42 7.73 8.34 6.97
C ARG A 42 7.15 6.97 7.19
N ILE A 43 7.86 5.92 6.81
CA ILE A 43 7.47 4.58 7.03
C ILE A 43 8.10 4.07 8.31
N GLN A 44 7.30 3.61 9.25
CA GLN A 44 7.76 3.19 10.55
C GLN A 44 7.50 1.72 10.72
N ASN A 45 8.51 0.90 10.50
CA ASN A 45 8.40 -0.53 10.57
C ASN A 45 9.50 -1.05 11.51
N PRO A 46 9.17 -1.29 12.79
CA PRO A 46 10.19 -1.66 13.78
C PRO A 46 11.04 -2.87 13.45
N ASP A 47 10.47 -3.97 13.00
CA ASP A 47 11.23 -5.17 12.72
C ASP A 47 12.21 -4.87 11.58
N LEU A 48 11.73 -4.26 10.51
CA LEU A 48 12.57 -3.94 9.40
C LEU A 48 13.69 -2.95 9.79
N TRP A 49 13.38 -1.93 10.57
CA TRP A 49 14.39 -0.96 11.04
C TRP A 49 15.42 -1.63 11.91
N ASN A 50 14.96 -2.43 12.88
CA ASN A 50 15.90 -3.09 13.79
C ASN A 50 16.85 -4.03 13.04
N SER A 51 16.34 -4.77 12.07
CA SER A 51 17.14 -5.67 11.32
C SER A 51 18.15 -4.89 10.44
N TYR A 52 17.72 -3.79 9.82
CA TYR A 52 18.61 -2.94 9.04
C TYR A 52 19.74 -2.35 9.90
N GLN A 53 19.37 -1.90 11.10
CA GLN A 53 20.35 -1.33 11.99
C GLN A 53 21.34 -2.35 12.49
N ALA A 54 20.93 -3.59 12.66
CA ALA A 54 21.86 -4.63 13.01
C ALA A 54 22.87 -4.87 11.88
N LYS A 55 22.38 -4.85 10.64
CA LYS A 55 23.31 -5.02 9.50
C LYS A 55 24.27 -3.84 9.41
N LYS A 56 23.80 -2.65 9.68
CA LYS A 56 24.62 -1.45 9.67
C LYS A 56 25.70 -1.52 10.73
N LYS A 57 25.33 -1.98 11.93
CA LYS A 57 26.31 -2.10 13.00
C LYS A 57 27.46 -3.02 12.62
N THR A 58 27.13 -4.15 12.01
CA THR A 58 28.11 -5.14 11.56
C THR A 58 29.01 -4.51 10.49
N MET A 59 28.43 -3.81 9.53
CA MET A 59 29.25 -3.21 8.45
C MET A 59 30.14 -2.10 8.97
N ASP A 60 29.63 -1.29 9.88
CA ASP A 60 30.41 -0.20 10.47
C ASP A 60 31.62 -0.74 11.23
N ALA A 61 31.47 -1.91 11.81
CA ALA A 61 32.53 -2.57 12.59
C ALA A 61 33.57 -3.19 11.72
N LYS A 62 33.34 -3.33 10.42
CA LYS A 62 34.25 -3.99 9.50
C LYS A 62 34.92 -3.07 8.48
N ASN A 63 34.26 -1.99 8.06
CA ASN A 63 34.70 -1.26 6.89
C ASN A 63 35.50 0.03 7.20
N GLY A 64 35.94 0.15 8.44
CA GLY A 64 36.85 1.26 8.83
C GLY A 64 36.24 2.60 8.65
N GLN A 65 36.97 3.48 7.95
CA GLN A 65 36.52 4.81 7.64
C GLN A 65 35.32 4.92 6.67
N THR A 66 34.99 3.83 5.99
CA THR A 66 33.96 3.83 4.91
C THR A 66 32.65 4.34 5.51
N MET A 67 32.02 5.25 4.80
CA MET A 67 30.68 5.64 5.15
C MET A 67 29.77 4.65 4.44
N ASN A 68 29.26 3.68 5.17
CA ASN A 68 28.62 2.53 4.59
C ASN A 68 27.23 2.84 4.08
N GLU A 69 26.58 3.88 4.55
CA GLU A 69 25.17 4.19 4.20
C GLU A 69 25.10 5.34 3.24
N LYS A 70 24.20 5.23 2.25
CA LYS A 70 23.84 6.33 1.40
C LYS A 70 22.31 6.44 1.44
N GLN A 71 21.80 7.60 1.11
CA GLN A 71 20.39 7.75 0.92
C GLN A 71 20.11 7.94 -0.59
N LEU A 72 19.34 6.98 -1.12
CA LEU A 72 19.19 6.79 -2.55
C LEU A 72 17.71 6.71 -2.86
N PHE A 73 17.36 6.69 -4.13
CA PHE A 73 15.95 6.68 -4.55
C PHE A 73 15.52 5.39 -5.20
N HIS A 74 14.26 5.07 -5.06
CA HIS A 74 13.70 3.88 -5.70
C HIS A 74 12.23 4.16 -6.07
N GLY A 75 11.94 4.19 -7.35
CA GLY A 75 10.57 4.42 -7.86
C GLY A 75 9.85 3.12 -8.00
N THR A 76 8.57 3.09 -7.68
CA THR A 76 7.82 1.87 -7.86
C THR A 76 6.35 2.20 -8.21
N ASP A 77 5.64 1.18 -8.64
CA ASP A 77 4.18 1.34 -8.82
C ASP A 77 3.44 1.34 -7.48
N ALA A 78 2.24 1.94 -7.49
CA ALA A 78 1.46 2.06 -6.26
C ALA A 78 1.19 0.71 -5.64
N GLY A 79 0.92 -0.31 -6.45
CA GLY A 79 0.63 -1.60 -5.91
C GLY A 79 1.74 -2.28 -5.16
N SER A 80 2.98 -1.81 -5.39
CA SER A 80 4.13 -2.32 -4.64
C SER A 80 4.39 -1.59 -3.31
N VAL A 81 3.75 -0.45 -3.12
CA VAL A 81 3.99 0.36 -1.92
C VAL A 81 3.71 -0.44 -0.61
N PRO A 82 2.53 -1.09 -0.49
CA PRO A 82 2.34 -1.81 0.76
C PRO A 82 3.33 -2.96 0.97
N HIS A 83 3.82 -3.53 -0.13
CA HIS A 83 4.76 -4.63 -0.03
C HIS A 83 6.11 -4.10 0.50
N VAL A 84 6.56 -2.98 -0.07
CA VAL A 84 7.82 -2.30 0.34
C VAL A 84 7.68 -1.88 1.82
N ASN A 85 6.51 -1.38 2.21
CA ASN A 85 6.36 -0.88 3.58
C ASN A 85 6.42 -1.95 4.61
N ARG A 86 5.99 -3.13 4.26
CA ARG A 86 6.03 -4.30 5.13
C ARG A 86 7.34 -5.09 5.05
N ASN A 87 7.89 -5.26 3.85
CA ASN A 87 8.97 -6.22 3.60
C ASN A 87 10.26 -5.56 3.19
N GLY A 88 10.26 -4.26 3.08
CA GLY A 88 11.38 -3.50 2.46
C GLY A 88 11.64 -4.06 1.08
N PHE A 89 12.92 -4.27 0.79
CA PHE A 89 13.38 -4.73 -0.52
C PHE A 89 13.87 -6.15 -0.46
N ASN A 90 13.52 -6.87 0.60
CA ASN A 90 13.84 -8.24 0.71
C ASN A 90 13.01 -9.07 -0.26
N ARG A 91 13.61 -10.16 -0.74
CA ARG A 91 13.00 -11.01 -1.75
C ARG A 91 13.02 -12.44 -1.26
N SER A 92 11.99 -13.22 -1.57
CA SER A 92 11.99 -14.66 -1.30
C SER A 92 11.56 -15.37 -2.59
N TYR A 93 12.23 -16.49 -2.92
CA TYR A 93 11.95 -17.24 -4.16
C TYR A 93 12.65 -18.61 -4.14
N ALA A 94 12.34 -19.47 -5.11
CA ALA A 94 12.95 -20.81 -5.16
C ALA A 94 14.44 -20.74 -5.49
N GLY A 95 15.26 -21.40 -4.66
CA GLY A 95 16.69 -21.52 -4.93
C GLY A 95 17.53 -20.37 -4.39
N LYS A 96 16.88 -19.40 -3.74
CA LYS A 96 17.61 -18.29 -3.07
C LYS A 96 18.68 -18.82 -2.12
N ASN A 97 18.38 -19.91 -1.40
CA ASN A 97 19.27 -20.41 -0.38
C ASN A 97 20.42 -21.31 -0.87
N ALA A 98 20.58 -21.48 -2.20
CA ALA A 98 21.74 -22.21 -2.77
C ALA A 98 23.01 -21.34 -2.77
N VAL A 99 22.81 -20.02 -2.81
CA VAL A 99 23.89 -19.06 -2.96
C VAL A 99 23.84 -18.00 -1.85
N ALA A 100 24.89 -17.19 -1.79
CA ALA A 100 25.13 -16.28 -0.67
C ALA A 100 24.49 -14.92 -0.78
N TYR A 101 23.63 -14.73 -1.76
CA TYR A 101 23.05 -13.41 -2.08
C TYR A 101 21.71 -13.63 -2.78
N GLY A 102 20.94 -12.56 -2.91
CA GLY A 102 19.72 -12.57 -3.64
C GLY A 102 19.78 -11.79 -4.91
N LYS A 103 18.67 -11.76 -5.63
CA LYS A 103 18.52 -10.93 -6.83
C LYS A 103 18.70 -9.48 -6.45
N GLY A 104 19.38 -8.76 -7.32
CA GLY A 104 19.64 -7.34 -7.09
C GLY A 104 18.41 -6.46 -7.02
N THR A 105 18.48 -5.46 -6.15
CA THR A 105 17.52 -4.38 -6.08
C THR A 105 18.29 -3.11 -6.41
N TYR A 106 17.76 -2.29 -7.32
CA TYR A 106 18.39 -1.08 -7.79
C TYR A 106 17.91 0.20 -7.13
N PHE A 107 18.82 1.12 -6.93
CA PHE A 107 18.54 2.43 -6.36
C PHE A 107 19.29 3.48 -7.14
N ALA A 108 18.73 4.67 -7.30
CA ALA A 108 19.39 5.76 -7.96
C ALA A 108 19.99 6.77 -7.03
N VAL A 109 21.08 7.37 -7.46
CA VAL A 109 21.69 8.49 -6.78
C VAL A 109 20.80 9.73 -6.85
N ASN A 110 20.28 10.00 -8.04
CA ASN A 110 19.41 11.15 -8.26
C ASN A 110 17.96 10.76 -8.45
N ALA A 111 17.08 11.57 -7.88
CA ALA A 111 15.68 11.25 -7.95
C ALA A 111 15.07 11.20 -9.36
N ASN A 112 15.61 11.98 -10.27
CA ASN A 112 15.05 12.04 -11.59
C ASN A 112 15.13 10.71 -12.33
N TYR A 113 16.10 9.89 -11.99
CA TYR A 113 16.25 8.56 -12.56
C TYR A 113 15.06 7.69 -12.15
N SER A 114 14.79 7.66 -10.86
CA SER A 114 13.70 6.91 -10.30
C SER A 114 12.30 7.47 -10.65
N ALA A 115 12.28 8.74 -10.99
CA ALA A 115 11.06 9.43 -11.41
C ALA A 115 10.64 9.09 -12.83
N ASN A 116 11.45 8.37 -13.58
CA ASN A 116 10.98 7.81 -14.84
C ASN A 116 9.73 7.02 -14.66
N ASP A 117 8.76 7.20 -15.60
CA ASP A 117 7.50 6.47 -15.52
C ASP A 117 7.65 4.97 -15.61
N THR A 118 8.75 4.49 -16.18
CA THR A 118 9.05 3.09 -16.16
C THR A 118 9.21 2.45 -14.77
N TYR A 119 9.59 3.31 -13.82
CA TYR A 119 9.77 2.88 -12.42
C TYR A 119 8.61 3.35 -11.53
N SER A 120 8.50 4.67 -11.40
CA SER A 120 7.42 5.26 -10.59
C SER A 120 6.17 5.44 -11.50
N ARG A 121 5.57 4.32 -11.80
CA ARG A 121 4.46 4.28 -12.78
C ARG A 121 3.33 5.13 -12.24
N PRO A 122 2.84 6.10 -13.05
CA PRO A 122 1.71 6.89 -12.51
C PRO A 122 0.51 6.01 -12.22
N ASP A 123 -0.17 6.27 -11.08
CA ASP A 123 -1.37 5.51 -10.67
C ASP A 123 -2.61 6.06 -11.44
N ALA A 124 -3.79 5.59 -11.08
CA ALA A 124 -5.03 6.05 -11.78
C ALA A 124 -5.28 7.55 -11.72
N ASN A 125 -4.73 8.22 -10.70
CA ASN A 125 -4.86 9.64 -10.55
C ASN A 125 -3.63 10.41 -10.97
N GLY A 126 -2.68 9.71 -11.62
CA GLY A 126 -1.45 10.34 -12.09
C GLY A 126 -0.34 10.45 -11.02
N ARG A 127 -0.59 9.86 -9.86
CA ARG A 127 0.37 9.97 -8.74
C ARG A 127 1.52 8.98 -8.92
N LYS A 128 2.71 9.52 -8.70
CA LYS A 128 3.98 8.77 -8.84
C LYS A 128 4.61 8.64 -7.44
N HIS A 129 5.32 7.53 -7.24
CA HIS A 129 5.82 7.13 -5.91
C HIS A 129 7.29 6.79 -5.99
N VAL A 130 8.08 7.58 -5.26
CA VAL A 130 9.56 7.32 -5.12
C VAL A 130 9.94 7.29 -3.65
N TYR A 131 10.60 6.21 -3.22
CA TYR A 131 11.14 6.11 -1.87
C TYR A 131 12.51 6.80 -1.83
N TYR A 132 12.80 7.41 -0.68
CA TYR A 132 14.14 7.91 -0.32
C TYR A 132 14.64 6.98 0.77
N VAL A 133 15.58 6.11 0.40
CA VAL A 133 15.89 4.86 1.07
C VAL A 133 17.30 4.92 1.69
N ARG A 134 17.45 4.46 2.92
CA ARG A 134 18.80 4.25 3.50
C ARG A 134 19.29 2.90 2.99
N VAL A 135 20.44 2.93 2.31
CA VAL A 135 21.03 1.74 1.67
C VAL A 135 22.47 1.55 2.15
N LEU A 136 22.77 0.34 2.58
CA LEU A 136 24.15 -0.01 3.00
C LEU A 136 24.99 -0.38 1.74
N THR A 137 25.47 0.66 1.09
CA THR A 137 26.31 0.52 -0.12
C THR A 137 27.67 -0.09 0.21
N GLY A 138 28.18 0.16 1.44
CA GLY A 138 29.42 -0.45 1.85
C GLY A 138 30.60 -0.22 0.86
N ILE A 139 31.30 -1.31 0.62
CA ILE A 139 32.38 -1.39 -0.36
C ILE A 139 31.83 -1.97 -1.64
N TYR A 140 32.01 -1.20 -2.75
CA TYR A 140 31.41 -1.54 -4.05
C TYR A 140 32.40 -1.46 -5.18
N THR A 141 32.04 -2.08 -6.30
CA THR A 141 32.77 -2.01 -7.55
C THR A 141 31.75 -1.96 -8.67
N HIS A 142 32.23 -1.91 -9.90
CA HIS A 142 31.32 -1.91 -11.04
C HIS A 142 30.67 -3.24 -11.17
N GLY A 143 29.42 -3.20 -11.68
CA GLY A 143 28.69 -4.44 -11.81
C GLY A 143 29.21 -5.28 -12.95
N ASN A 144 29.13 -6.59 -12.84
CA ASN A 144 29.33 -7.51 -13.95
CA ASN A 144 29.42 -7.45 -14.03
C ASN A 144 28.38 -7.16 -15.10
N HIS A 145 28.80 -7.27 -16.33
CA HIS A 145 27.95 -6.96 -17.46
C HIS A 145 26.90 -7.99 -17.83
N SER A 146 27.08 -9.21 -17.33
CA SER A 146 26.28 -10.36 -17.75
C SER A 146 25.73 -11.18 -16.61
N LEU A 147 26.49 -11.31 -15.53
CA LEU A 147 26.05 -12.11 -14.39
C LEU A 147 25.77 -11.16 -13.20
N ILE A 148 24.50 -10.91 -12.91
CA ILE A 148 24.11 -9.84 -12.02
C ILE A 148 24.06 -10.34 -10.56
N VAL A 149 25.26 -10.49 -10.05
CA VAL A 149 25.52 -11.01 -8.71
C VAL A 149 26.65 -10.18 -8.14
N PRO A 150 26.83 -10.21 -6.81
CA PRO A 150 27.98 -9.49 -6.27
C PRO A 150 29.34 -10.09 -6.58
N PRO A 151 30.22 -9.35 -7.21
CA PRO A 151 31.50 -9.96 -7.57
C PRO A 151 32.37 -10.28 -6.35
N SER A 152 33.35 -11.14 -6.57
CA SER A 152 34.35 -11.43 -5.58
CA SER A 152 34.40 -11.45 -5.62
C SER A 152 35.30 -10.24 -5.42
N LYS A 153 35.76 -10.00 -4.18
CA LYS A 153 36.78 -8.97 -3.94
C LYS A 153 38.24 -9.32 -4.22
N ASN A 154 38.56 -10.59 -4.21
CA ASN A 154 39.97 -11.04 -4.13
C ASN A 154 39.98 -12.44 -4.77
N PRO A 155 40.70 -12.63 -5.90
CA PRO A 155 40.72 -13.97 -6.49
C PRO A 155 41.25 -15.00 -5.54
N GLN A 156 42.05 -14.62 -4.55
CA GLN A 156 42.58 -15.58 -3.56
C GLN A 156 41.55 -15.94 -2.49
N ASN A 157 40.45 -15.19 -2.42
CA ASN A 157 39.42 -15.43 -1.39
C ASN A 157 38.02 -15.18 -2.02
N PRO A 158 37.62 -15.96 -3.02
CA PRO A 158 36.49 -15.61 -3.86
C PRO A 158 35.09 -15.75 -3.28
N THR A 159 34.98 -16.26 -2.05
CA THR A 159 33.68 -16.17 -1.37
C THR A 159 33.51 -14.86 -0.61
N ASP A 160 34.50 -14.02 -0.56
CA ASP A 160 34.38 -12.67 0.04
C ASP A 160 33.85 -11.68 -1.06
N LEU A 161 32.62 -11.21 -0.91
CA LEU A 161 31.96 -10.48 -1.98
C LEU A 161 31.76 -9.01 -1.65
N TYR A 162 31.64 -8.28 -2.64
CA TYR A 162 31.31 -6.89 -2.52
C TYR A 162 29.90 -6.72 -1.96
N ASP A 163 29.71 -5.56 -1.31
CA ASP A 163 28.45 -5.21 -0.68
C ASP A 163 27.37 -4.78 -1.68
N THR A 164 27.76 -3.95 -2.62
CA THR A 164 26.92 -3.50 -3.72
C THR A 164 27.76 -3.37 -4.96
N VAL A 165 27.07 -3.22 -6.10
CA VAL A 165 27.71 -2.80 -7.33
C VAL A 165 27.12 -1.51 -7.82
N THR A 166 27.86 -0.82 -8.66
CA THR A 166 27.45 0.42 -9.29
C THR A 166 27.74 0.39 -10.77
N ASP A 167 27.24 1.37 -11.50
CA ASP A 167 27.58 1.53 -12.91
C ASP A 167 28.92 2.19 -13.09
N ASN A 168 29.41 2.94 -12.14
CA ASN A 168 30.64 3.67 -12.27
C ASN A 168 31.21 3.94 -10.91
N VAL A 169 32.37 3.34 -10.63
CA VAL A 169 32.93 3.36 -9.27
C VAL A 169 33.15 4.76 -8.74
N HIS A 170 33.62 5.65 -9.57
CA HIS A 170 33.93 6.99 -9.05
C HIS A 170 32.91 8.05 -9.38
N HIS A 171 31.99 7.74 -10.30
CA HIS A 171 30.86 8.66 -10.63
C HIS A 171 29.58 7.89 -10.71
N PRO A 172 29.19 7.28 -9.58
CA PRO A 172 27.98 6.48 -9.66
C PRO A 172 26.68 7.17 -9.98
N SER A 173 25.80 6.49 -10.71
CA SER A 173 24.41 6.92 -10.90
C SER A 173 23.39 5.99 -10.28
N LEU A 174 23.82 4.76 -9.96
CA LEU A 174 22.95 3.75 -9.41
C LEU A 174 23.75 2.80 -8.55
N PHE A 175 23.07 2.10 -7.66
CA PHE A 175 23.63 1.03 -6.85
C PHE A 175 22.71 -0.16 -6.88
N VAL A 176 23.25 -1.38 -6.77
CA VAL A 176 22.51 -2.61 -6.71
C VAL A 176 22.83 -3.27 -5.36
N ALA A 177 21.81 -3.53 -4.57
CA ALA A 177 21.91 -4.25 -3.30
C ALA A 177 21.50 -5.66 -3.51
N PHE A 178 22.06 -6.57 -2.73
CA PHE A 178 21.85 -8.01 -2.92
C PHE A 178 21.47 -8.79 -1.65
N TYR A 179 21.56 -8.19 -0.48
CA TYR A 179 21.52 -8.92 0.77
C TYR A 179 20.29 -8.56 1.58
N ASP A 180 19.91 -9.44 2.50
CA ASP A 180 18.74 -9.14 3.30
C ASP A 180 18.98 -7.97 4.26
N TYR A 181 17.95 -7.13 4.37
CA TYR A 181 17.93 -6.01 5.26
C TYR A 181 19.01 -5.00 4.97
N GLN A 182 19.35 -4.89 3.70
CA GLN A 182 20.40 -3.97 3.26
C GLN A 182 19.88 -2.55 2.99
N ALA A 183 18.56 -2.36 3.03
CA ALA A 183 17.97 -1.12 2.71
C ALA A 183 16.72 -0.92 3.60
N TYR A 184 16.47 0.34 3.92
CA TYR A 184 15.30 0.70 4.72
C TYR A 184 14.55 1.81 4.01
N PRO A 185 13.26 1.56 3.72
CA PRO A 185 12.45 2.51 2.92
C PRO A 185 11.94 3.65 3.78
N GLU A 186 12.78 4.58 4.12
CA GLU A 186 12.44 5.53 5.20
C GLU A 186 11.36 6.48 4.86
N TYR A 187 11.42 7.03 3.69
CA TYR A 187 10.50 8.08 3.23
C TYR A 187 9.88 7.68 1.92
N LEU A 188 8.59 7.99 1.77
CA LEU A 188 7.87 7.81 0.52
C LEU A 188 7.43 9.17 0.01
N ILE A 189 7.85 9.57 -1.18
CA ILE A 189 7.52 10.83 -1.81
C ILE A 189 6.46 10.57 -2.88
N THR A 190 5.29 11.20 -2.75
CA THR A 190 4.26 11.06 -3.74
C THR A 190 4.16 12.38 -4.51
N PHE A 191 4.14 12.33 -5.83
CA PHE A 191 4.29 13.52 -6.62
C PHE A 191 3.60 13.41 -7.98
N ARG A 192 3.52 14.53 -8.70
CA ARG A 192 2.82 14.58 -10.00
C ARG A 192 3.63 15.37 -10.99
N LYS A 193 3.38 15.14 -12.30
CA LYS A 193 3.98 15.94 -13.39
C LYS A 193 3.47 17.39 -13.45
N ASN B 8 -2.54 9.51 8.48
CA ASN B 8 -1.74 8.50 9.22
C ASN B 8 -2.53 7.26 9.61
N PHE B 9 -1.87 6.12 9.47
CA PHE B 9 -2.48 4.83 9.71
C PHE B 9 -1.45 3.80 10.06
N CYS B 10 -1.91 2.71 10.64
CA CYS B 10 -1.09 1.55 10.85
C CYS B 10 -1.77 0.33 10.27
N VAL B 11 -0.97 -0.67 9.94
CA VAL B 11 -1.44 -1.93 9.38
C VAL B 11 -0.93 -3.04 10.24
N VAL B 12 -1.83 -3.83 10.81
CA VAL B 12 -1.46 -4.87 11.76
C VAL B 12 -1.90 -6.20 11.21
N GLU B 13 -0.95 -7.10 10.95
CA GLU B 13 -1.30 -8.46 10.53
C GLU B 13 -1.86 -9.25 11.71
N LEU B 14 -3.02 -9.88 11.52
CA LEU B 14 -3.61 -10.74 12.54
C LEU B 14 -3.03 -12.15 12.49
N LEU B 15 -2.80 -12.77 13.66
CA LEU B 15 -2.37 -14.18 13.71
C LEU B 15 -3.58 -15.08 13.47
N PRO B 16 -3.41 -16.17 12.71
CA PRO B 16 -4.55 -17.08 12.49
C PRO B 16 -5.24 -17.64 13.77
N SER B 17 -4.50 -17.68 14.87
CA SER B 17 -5.03 -18.16 16.16
C SER B 17 -5.84 -17.11 16.89
N ASP B 18 -5.78 -15.88 16.41
CA ASP B 18 -6.50 -14.75 17.00
C ASP B 18 -8.00 -14.89 16.69
N PRO B 19 -8.85 -14.86 17.74
CA PRO B 19 -10.30 -14.83 17.52
C PRO B 19 -10.79 -13.73 16.54
N GLU B 20 -10.13 -12.58 16.51
CA GLU B 20 -10.47 -11.54 15.55
C GLU B 20 -10.24 -12.00 14.08
N TYR B 21 -9.14 -12.71 13.85
CA TYR B 21 -8.88 -13.35 12.56
C TYR B 21 -10.01 -14.30 12.22
N ASN B 22 -10.43 -15.10 13.20
CA ASN B 22 -11.43 -16.12 12.92
C ASN B 22 -12.76 -15.52 12.55
N THR B 23 -13.09 -14.39 13.17
CA THR B 23 -14.33 -13.71 12.85
C THR B 23 -14.33 -13.27 11.39
N VAL B 24 -13.26 -12.61 10.95
CA VAL B 24 -13.20 -12.13 9.58
C VAL B 24 -13.13 -13.28 8.61
N ALA B 25 -12.26 -14.27 8.90
CA ALA B 25 -12.10 -15.40 8.01
C ALA B 25 -13.40 -16.19 7.88
N SER B 26 -14.13 -16.35 8.97
CA SER B 26 -15.36 -17.15 8.92
C SER B 26 -16.40 -16.48 8.03
N LYS B 27 -16.53 -15.16 8.13
CA LYS B 27 -17.44 -14.46 7.22
C LYS B 27 -17.01 -14.60 5.77
N PHE B 28 -15.73 -14.38 5.49
CA PHE B 28 -15.19 -14.54 4.16
C PHE B 28 -15.44 -15.96 3.64
N ASN B 29 -15.14 -16.93 4.49
CA ASN B 29 -15.28 -18.33 4.12
C ASN B 29 -16.71 -18.86 4.00
N GLN B 30 -17.71 -18.08 4.38
CA GLN B 30 -19.10 -18.46 4.06
C GLN B 30 -19.29 -18.67 2.58
N THR B 31 -18.65 -17.84 1.74
CA THR B 31 -18.72 -17.97 0.30
C THR B 31 -17.38 -18.12 -0.44
N CYS B 32 -16.25 -17.92 0.26
CA CYS B 32 -14.95 -17.94 -0.37
C CYS B 32 -13.98 -18.94 0.27
N SER B 33 -14.52 -20.02 0.83
CA SER B 33 -13.65 -21.03 1.49
C SER B 33 -12.72 -21.74 0.48
N HIS B 34 -13.04 -21.67 -0.81
CA HIS B 34 -12.17 -22.28 -1.86
C HIS B 34 -10.90 -21.48 -2.21
N PHE B 35 -10.80 -20.25 -1.70
CA PHE B 35 -9.60 -19.46 -1.82
C PHE B 35 -8.66 -19.74 -0.65
N ARG B 36 -7.38 -19.41 -0.83
CA ARG B 36 -6.38 -19.52 0.20
C ARG B 36 -6.08 -18.14 0.77
N ILE B 37 -6.45 -17.91 2.02
CA ILE B 37 -6.13 -16.66 2.72
C ILE B 37 -4.63 -16.63 3.06
N GLU B 38 -3.93 -15.60 2.59
CA GLU B 38 -2.49 -15.40 2.91
C GLU B 38 -2.34 -14.59 4.16
N LYS B 39 -3.14 -13.53 4.27
CA LYS B 39 -3.17 -12.75 5.47
C LYS B 39 -4.43 -11.92 5.61
N ILE B 40 -4.71 -11.58 6.86
CA ILE B 40 -5.75 -10.60 7.18
C ILE B 40 -5.09 -9.52 8.02
N GLU B 41 -5.26 -8.28 7.61
CA GLU B 41 -4.68 -7.13 8.28
C GLU B 41 -5.78 -6.23 8.78
N ARG B 42 -5.61 -5.67 9.96
CA ARG B 42 -6.49 -4.63 10.46
C ARG B 42 -5.88 -3.29 10.07
N ILE B 43 -6.69 -2.38 9.54
CA ILE B 43 -6.28 -1.06 9.10
C ILE B 43 -6.75 -0.08 10.18
N GLN B 44 -5.81 0.65 10.74
CA GLN B 44 -6.07 1.56 11.85
C GLN B 44 -5.78 2.97 11.40
N ASN B 45 -6.83 3.71 11.02
CA ASN B 45 -6.71 5.05 10.48
C ASN B 45 -7.62 5.94 11.32
N PRO B 46 -7.06 6.57 12.37
CA PRO B 46 -7.81 7.44 13.30
C PRO B 46 -8.71 8.50 12.67
N ASP B 47 -8.18 9.23 11.70
CA ASP B 47 -8.93 10.31 11.06
C ASP B 47 -10.19 9.75 10.42
N LEU B 48 -9.99 8.69 9.65
CA LEU B 48 -11.07 8.07 8.88
C LEU B 48 -12.12 7.46 9.82
N TRP B 49 -11.64 6.87 10.89
CA TRP B 49 -12.52 6.20 11.88
C TRP B 49 -13.36 7.26 12.56
N ASN B 50 -12.72 8.34 12.94
CA ASN B 50 -13.46 9.42 13.63
C ASN B 50 -14.53 10.05 12.74
N SER B 51 -14.26 10.27 11.45
CA SER B 51 -15.24 10.80 10.51
C SER B 51 -16.42 9.81 10.38
N TYR B 52 -16.07 8.53 10.25
CA TYR B 52 -17.08 7.46 10.16
C TYR B 52 -17.98 7.41 11.41
N GLN B 53 -17.38 7.36 12.58
CA GLN B 53 -18.14 7.28 13.84
C GLN B 53 -19.00 8.53 14.07
N ALA B 54 -18.55 9.68 13.58
CA ALA B 54 -19.38 10.91 13.68
C ALA B 54 -20.67 10.76 12.87
N LYS B 55 -20.55 10.19 11.69
CA LYS B 55 -21.72 9.96 10.86
C LYS B 55 -22.60 8.88 11.49
N LYS B 56 -22.00 7.84 12.06
CA LYS B 56 -22.78 6.76 12.65
C LYS B 56 -23.65 7.33 13.78
N LYS B 57 -23.08 8.22 14.58
CA LYS B 57 -23.82 8.84 15.70
C LYS B 57 -25.06 9.59 15.21
N THR B 58 -24.92 10.42 14.20
CA THR B 58 -26.08 11.18 13.72
C THR B 58 -27.13 10.26 13.09
N MET B 59 -26.68 9.18 12.44
CA MET B 59 -27.63 8.24 11.84
C MET B 59 -28.36 7.47 12.92
N ASP B 60 -27.67 7.04 13.95
CA ASP B 60 -28.27 6.28 15.03
C ASP B 60 -29.32 7.14 15.76
N ALA B 61 -29.12 8.46 15.75
CA ALA B 61 -30.07 9.40 16.42
C ALA B 61 -31.35 9.51 15.65
N LYS B 62 -31.28 9.43 14.32
CA LYS B 62 -32.40 9.70 13.43
C LYS B 62 -33.17 8.50 12.94
N ASN B 63 -32.55 7.33 12.88
CA ASN B 63 -33.21 6.24 12.21
C ASN B 63 -33.86 5.22 13.15
N GLY B 64 -34.04 5.58 14.42
CA GLY B 64 -34.74 4.68 15.33
C GLY B 64 -34.19 3.31 15.52
N GLN B 65 -35.03 2.31 15.37
CA GLN B 65 -34.68 0.94 15.51
C GLN B 65 -33.72 0.46 14.42
N THR B 66 -33.54 1.22 13.34
CA THR B 66 -32.71 0.74 12.20
C THR B 66 -31.28 0.41 12.67
N MET B 67 -30.81 -0.71 12.23
CA MET B 67 -29.38 -1.02 12.41
C MET B 67 -28.67 -0.40 11.21
N ASN B 68 -27.99 0.69 11.47
CA ASN B 68 -27.44 1.53 10.40
C ASN B 68 -26.18 0.98 9.75
N GLU B 69 -25.51 0.08 10.45
CA GLU B 69 -24.20 -0.43 9.98
C GLU B 69 -24.33 -1.85 9.50
N LYS B 70 -23.62 -2.14 8.42
CA LYS B 70 -23.41 -3.51 8.00
C LYS B 70 -21.94 -3.71 7.71
N GLN B 71 -21.48 -4.95 7.77
CA GLN B 71 -20.10 -5.29 7.41
C GLN B 71 -20.16 -5.99 6.06
N LEU B 72 -19.56 -5.37 5.06
CA LEU B 72 -19.71 -5.70 3.67
C LEU B 72 -18.33 -5.89 3.05
N PHE B 73 -18.26 -6.37 1.82
CA PHE B 73 -16.98 -6.61 1.16
C PHE B 73 -16.78 -5.70 -0.03
N HIS B 74 -15.49 -5.41 -0.37
CA HIS B 74 -15.16 -4.61 -1.52
C HIS B 74 -13.79 -5.07 -2.06
N GLY B 75 -13.80 -5.58 -3.27
CA GLY B 75 -12.58 -6.05 -3.95
C GLY B 75 -11.95 -4.89 -4.67
N THR B 76 -10.59 -4.88 -4.68
CA THR B 76 -9.89 -3.83 -5.37
C THR B 76 -8.59 -4.32 -5.98
N ASP B 77 -8.03 -3.49 -6.83
CA ASP B 77 -6.69 -3.78 -7.38
C ASP B 77 -5.64 -3.50 -6.33
N ALA B 78 -4.50 -4.13 -6.51
CA ALA B 78 -3.42 -3.90 -5.59
C ALA B 78 -3.02 -2.43 -5.56
N GLY B 79 -3.04 -1.77 -6.70
CA GLY B 79 -2.71 -0.36 -6.82
C GLY B 79 -3.54 0.59 -5.98
N SER B 80 -4.78 0.21 -5.66
CA SER B 80 -5.63 1.11 -4.87
C SER B 80 -5.45 0.96 -3.38
N VAL B 81 -4.77 -0.10 -2.95
CA VAL B 81 -4.63 -0.34 -1.53
C VAL B 81 -4.02 0.80 -0.74
N PRO B 82 -2.96 1.41 -1.25
CA PRO B 82 -2.43 2.52 -0.48
C PRO B 82 -3.43 3.70 -0.40
N HIS B 83 -4.18 3.97 -1.47
CA HIS B 83 -5.17 5.03 -1.43
C HIS B 83 -6.26 4.73 -0.37
N VAL B 84 -6.76 3.51 -0.38
CA VAL B 84 -7.91 3.18 0.50
C VAL B 84 -7.48 3.19 1.95
N ASN B 85 -6.28 2.74 2.23
CA ASN B 85 -5.82 2.71 3.61
C ASN B 85 -5.66 4.13 4.19
N ARG B 86 -5.37 5.11 3.33
CA ARG B 86 -5.18 6.51 3.72
C ARG B 86 -6.50 7.30 3.74
N ASN B 87 -7.30 7.09 2.71
CA ASN B 87 -8.36 8.00 2.32
C ASN B 87 -9.74 7.32 2.23
N GLY B 88 -9.79 6.01 2.45
CA GLY B 88 -11.03 5.25 2.26
C GLY B 88 -11.52 5.33 0.83
N PHE B 89 -12.84 5.18 0.69
CA PHE B 89 -13.47 5.11 -0.60
C PHE B 89 -14.02 6.50 -0.97
N ASN B 90 -13.09 7.42 -1.21
CA ASN B 90 -13.44 8.84 -1.36
C ASN B 90 -13.56 9.25 -2.80
N ARG B 91 -13.57 10.56 -3.06
CA ARG B 91 -13.78 11.07 -4.41
C ARG B 91 -12.73 10.66 -5.42
N SER B 92 -11.51 10.38 -5.00
CA SER B 92 -10.45 10.01 -5.94
C SER B 92 -10.16 8.52 -5.99
N TYR B 93 -10.99 7.74 -5.35
CA TYR B 93 -10.82 6.30 -5.44
C TYR B 93 -11.15 5.89 -6.87
N ALA B 94 -10.35 5.00 -7.38
CA ALA B 94 -10.52 4.71 -8.80
C ALA B 94 -11.38 3.52 -9.11
N GLY B 95 -11.85 2.79 -8.11
CA GLY B 95 -12.66 1.60 -8.37
C GLY B 95 -14.17 1.84 -8.46
N LYS B 96 -14.58 2.84 -9.22
CA LYS B 96 -15.99 3.21 -9.34
C LYS B 96 -16.47 3.05 -10.76
N ASN B 97 -16.15 1.94 -11.43
CA ASN B 97 -16.61 1.75 -12.78
C ASN B 97 -18.05 1.25 -12.91
N ALA B 98 -18.55 0.58 -11.87
CA ALA B 98 -19.93 0.11 -11.89
C ALA B 98 -20.86 1.31 -11.78
N VAL B 99 -21.89 1.33 -12.61
CA VAL B 99 -22.83 2.44 -12.59
C VAL B 99 -24.31 2.07 -12.64
N ALA B 100 -24.67 0.79 -12.78
CA ALA B 100 -26.03 0.44 -13.02
C ALA B 100 -26.98 0.83 -11.89
N TYR B 101 -26.48 0.84 -10.66
CA TYR B 101 -27.29 1.21 -9.52
C TYR B 101 -26.94 2.60 -8.97
N GLY B 102 -26.13 3.34 -9.72
CA GLY B 102 -25.67 4.67 -9.32
C GLY B 102 -24.17 4.81 -9.35
N LYS B 103 -23.69 6.06 -9.32
CA LYS B 103 -22.31 6.40 -9.43
C LYS B 103 -21.83 6.65 -8.02
N GLY B 104 -21.35 5.59 -7.38
CA GLY B 104 -20.74 5.64 -6.08
C GLY B 104 -19.87 4.41 -5.93
N THR B 105 -19.55 4.07 -4.71
CA THR B 105 -18.73 2.86 -4.36
C THR B 105 -19.62 1.71 -3.94
N TYR B 106 -19.39 0.53 -4.55
CA TYR B 106 -20.20 -0.65 -4.38
C TYR B 106 -19.62 -1.60 -3.38
N PHE B 107 -20.46 -2.18 -2.53
CA PHE B 107 -20.09 -3.12 -1.53
C PHE B 107 -21.03 -4.33 -1.60
N ALA B 108 -20.44 -5.52 -1.41
CA ALA B 108 -21.22 -6.78 -1.49
C ALA B 108 -21.55 -7.31 -0.13
N VAL B 109 -22.75 -7.89 -0.01
CA VAL B 109 -23.12 -8.65 1.17
C VAL B 109 -22.24 -9.87 1.39
N ASN B 110 -21.96 -10.59 0.31
CA ASN B 110 -21.16 -11.82 0.40
C ASN B 110 -19.84 -11.62 -0.33
N ALA B 111 -18.80 -12.25 0.20
CA ALA B 111 -17.45 -12.01 -0.28
C ALA B 111 -17.27 -12.50 -1.72
N ASN B 112 -18.00 -13.53 -2.15
CA ASN B 112 -17.78 -14.02 -3.49
C ASN B 112 -18.02 -13.03 -4.60
N TYR B 113 -18.94 -12.09 -4.39
CA TYR B 113 -19.13 -11.04 -5.37
C TYR B 113 -17.86 -10.21 -5.51
N SER B 114 -17.29 -9.81 -4.40
CA SER B 114 -16.08 -8.96 -4.44
C SER B 114 -14.81 -9.69 -4.87
N ALA B 115 -14.83 -11.01 -4.74
CA ALA B 115 -13.71 -11.88 -5.15
C ALA B 115 -13.61 -12.05 -6.66
N ASN B 116 -14.56 -11.53 -7.44
CA ASN B 116 -14.53 -11.55 -8.89
C ASN B 116 -13.23 -10.94 -9.38
N ASP B 117 -12.57 -11.54 -10.35
CA ASP B 117 -11.29 -11.02 -10.83
C ASP B 117 -11.35 -9.62 -11.42
N THR B 118 -12.55 -9.17 -11.83
CA THR B 118 -12.70 -7.85 -12.39
C THR B 118 -12.58 -6.79 -11.26
N TYR B 119 -12.94 -7.19 -10.06
CA TYR B 119 -12.90 -6.28 -8.91
C TYR B 119 -11.60 -6.43 -8.14
N SER B 120 -11.37 -7.59 -7.54
CA SER B 120 -10.12 -7.92 -6.84
C SER B 120 -9.14 -8.53 -7.87
N ARG B 121 -8.66 -7.69 -8.79
CA ARG B 121 -7.81 -8.15 -9.88
C ARG B 121 -6.55 -8.79 -9.29
N PRO B 122 -6.25 -10.04 -9.71
CA PRO B 122 -4.99 -10.61 -9.23
C PRO B 122 -3.83 -9.78 -9.70
N ASP B 123 -2.86 -9.59 -8.82
CA ASP B 123 -1.72 -8.76 -9.17
C ASP B 123 -0.67 -9.65 -9.87
N ALA B 124 0.49 -9.07 -10.19
CA ALA B 124 1.61 -9.83 -10.80
C ALA B 124 1.94 -11.17 -10.10
N ASN B 125 1.80 -11.22 -8.77
CA ASN B 125 2.07 -12.44 -8.01
C ASN B 125 0.87 -13.33 -7.72
N GLY B 126 -0.29 -13.00 -8.31
CA GLY B 126 -1.49 -13.80 -8.14
C GLY B 126 -2.32 -13.41 -6.91
N ARG B 127 -1.90 -12.36 -6.21
CA ARG B 127 -2.59 -11.95 -4.98
C ARG B 127 -3.83 -11.10 -5.31
N LYS B 128 -4.88 -11.45 -4.59
CA LYS B 128 -6.19 -10.75 -4.64
C LYS B 128 -6.44 -10.04 -3.32
N HIS B 129 -7.16 -8.93 -3.39
CA HIS B 129 -7.34 -8.02 -2.28
C HIS B 129 -8.84 -7.66 -2.09
N VAL B 130 -9.36 -8.07 -0.95
CA VAL B 130 -10.76 -7.75 -0.55
C VAL B 130 -10.77 -7.13 0.82
N TYR B 131 -11.44 -5.96 0.91
CA TYR B 131 -11.67 -5.34 2.18
C TYR B 131 -12.97 -5.82 2.80
N TYR B 132 -12.96 -5.95 4.10
CA TYR B 132 -14.21 -6.24 4.89
C TYR B 132 -14.47 -4.94 5.64
N VAL B 133 -15.53 -4.26 5.21
CA VAL B 133 -15.74 -2.83 5.40
C VAL B 133 -16.96 -2.57 6.29
N ARG B 134 -16.82 -1.65 7.24
CA ARG B 134 -18.04 -1.16 7.97
C ARG B 134 -18.69 -0.11 7.11
N VAL B 135 -19.99 -0.28 6.77
CA VAL B 135 -20.70 0.64 5.86
C VAL B 135 -22.01 1.07 6.53
N LEU B 136 -22.24 2.35 6.52
CA LEU B 136 -23.45 2.93 7.10
C LEU B 136 -24.54 2.94 6.04
N THR B 137 -25.20 1.79 5.89
CA THR B 137 -26.25 1.63 4.91
C THR B 137 -27.54 2.37 5.29
N GLY B 138 -27.82 2.47 6.59
CA GLY B 138 -28.97 3.29 7.03
C GLY B 138 -30.28 2.84 6.42
N ILE B 139 -31.04 3.81 5.99
CA ILE B 139 -32.28 3.61 5.27
C ILE B 139 -32.03 3.72 3.76
N TYR B 140 -32.34 2.66 3.04
CA TYR B 140 -31.97 2.55 1.66
C TYR B 140 -33.16 2.27 0.76
N THR B 141 -32.99 2.54 -0.54
CA THR B 141 -33.98 2.27 -1.57
C THR B 141 -33.28 1.69 -2.77
N HIS B 142 -34.04 1.37 -3.81
CA HIS B 142 -33.51 0.80 -5.04
CA HIS B 142 -33.51 0.82 -5.05
C HIS B 142 -32.68 1.84 -5.80
N GLY B 143 -31.51 1.42 -6.29
CA GLY B 143 -30.63 2.31 -7.08
C GLY B 143 -31.03 2.37 -8.55
N ASN B 144 -30.42 3.33 -9.27
CA ASN B 144 -30.61 3.43 -10.71
C ASN B 144 -29.40 4.14 -11.30
N HIS B 145 -29.25 4.05 -12.63
CA HIS B 145 -28.00 4.48 -13.25
C HIS B 145 -27.73 6.00 -13.23
N SER B 146 -28.78 6.78 -13.03
CA SER B 146 -28.67 8.25 -13.03
C SER B 146 -28.08 8.88 -11.74
N LEU B 147 -27.98 8.09 -10.66
CA LEU B 147 -27.67 8.66 -9.35
C LEU B 147 -26.22 9.06 -9.14
N ILE B 148 -25.97 10.30 -8.69
CA ILE B 148 -24.66 10.68 -8.11
C ILE B 148 -24.68 10.87 -6.57
N VAL B 149 -25.92 10.85 -6.04
CA VAL B 149 -26.23 10.82 -4.63
C VAL B 149 -27.56 10.05 -4.51
N PRO B 150 -27.93 9.59 -3.28
CA PRO B 150 -29.17 8.83 -3.18
C PRO B 150 -30.40 9.65 -3.54
N PRO B 151 -31.49 9.01 -3.94
CA PRO B 151 -32.70 9.72 -4.31
C PRO B 151 -33.28 10.41 -3.08
N SER B 152 -34.11 11.42 -3.34
CA SER B 152 -34.92 11.98 -2.24
C SER B 152 -35.98 10.99 -1.80
N LYS B 153 -36.25 10.98 -0.52
CA LYS B 153 -37.32 10.18 0.04
C LYS B 153 -38.68 10.59 -0.56
N ASN B 154 -38.90 11.90 -0.69
CA ASN B 154 -40.12 12.48 -1.24
C ASN B 154 -39.67 13.68 -2.08
N PRO B 155 -40.01 13.68 -3.37
CA PRO B 155 -39.54 14.72 -4.29
C PRO B 155 -39.98 16.11 -3.87
N GLN B 156 -40.99 16.20 -3.00
CA GLN B 156 -41.36 17.53 -2.50
C GLN B 156 -40.34 18.11 -1.56
N ASN B 157 -39.43 17.28 -1.04
CA ASN B 157 -38.27 17.83 -0.35
C ASN B 157 -37.01 17.26 -0.96
N PRO B 158 -36.46 17.93 -1.98
CA PRO B 158 -35.33 17.33 -2.70
C PRO B 158 -34.05 17.19 -1.90
N THR B 159 -33.99 17.71 -0.67
CA THR B 159 -32.76 17.71 0.11
C THR B 159 -32.71 16.59 1.13
N ASP B 160 -33.83 15.86 1.31
CA ASP B 160 -33.85 14.79 2.35
C ASP B 160 -33.78 13.45 1.62
N LEU B 161 -32.60 12.86 1.71
CA LEU B 161 -32.21 11.75 0.93
C LEU B 161 -32.12 10.42 1.69
N TYR B 162 -32.23 9.35 0.99
CA TYR B 162 -31.89 8.06 1.55
C TYR B 162 -30.40 8.06 1.87
N ASP B 163 -29.98 7.09 2.67
CA ASP B 163 -28.59 6.98 3.07
C ASP B 163 -27.72 6.26 2.03
N THR B 164 -28.24 5.19 1.48
CA THR B 164 -27.58 4.38 0.42
C THR B 164 -28.64 3.81 -0.48
N VAL B 165 -28.23 3.14 -1.57
CA VAL B 165 -29.10 2.42 -2.45
C VAL B 165 -28.62 0.98 -2.57
N THR B 166 -29.52 0.14 -3.06
CA THR B 166 -29.27 -1.29 -3.20
C THR B 166 -29.86 -1.80 -4.52
N ASP B 167 -29.52 -3.04 -4.87
CA ASP B 167 -30.12 -3.73 -6.01
C ASP B 167 -31.50 -4.31 -5.74
N ASN B 168 -31.81 -4.59 -4.48
CA ASN B 168 -33.04 -5.33 -4.13
C ASN B 168 -33.32 -4.94 -2.68
N VAL B 169 -34.32 -4.11 -2.45
CA VAL B 169 -34.56 -3.55 -1.12
C VAL B 169 -34.83 -4.60 -0.06
N HIS B 170 -35.60 -5.60 -0.40
CA HIS B 170 -35.92 -6.56 0.64
C HIS B 170 -35.00 -7.78 0.68
N HIS B 171 -34.24 -8.05 -0.39
CA HIS B 171 -33.17 -9.07 -0.36
C HIS B 171 -31.88 -8.52 -0.99
N PRO B 172 -31.20 -7.62 -0.27
CA PRO B 172 -30.06 -6.97 -0.92
C PRO B 172 -28.87 -7.91 -1.19
N SER B 173 -28.18 -7.66 -2.30
CA SER B 173 -26.88 -8.32 -2.53
C SER B 173 -25.73 -7.33 -2.60
N LEU B 174 -26.06 -6.06 -2.82
CA LEU B 174 -25.01 -5.01 -2.86
C LEU B 174 -25.61 -3.72 -2.40
N PHE B 175 -24.73 -2.82 -1.97
CA PHE B 175 -25.09 -1.44 -1.53
C PHE B 175 -24.16 -0.48 -2.22
N VAL B 176 -24.65 0.71 -2.54
CA VAL B 176 -23.85 1.78 -3.10
C VAL B 176 -23.85 2.93 -2.10
N ALA B 177 -22.65 3.38 -1.74
CA ALA B 177 -22.47 4.54 -0.88
C ALA B 177 -21.91 5.67 -1.73
N PHE B 178 -22.26 6.90 -1.38
CA PHE B 178 -21.97 8.05 -2.21
C PHE B 178 -21.08 9.09 -1.52
N TYR B 179 -20.80 8.90 -0.25
CA TYR B 179 -20.02 9.83 0.55
C TYR B 179 -18.86 9.16 1.26
N ASP B 180 -17.73 9.85 1.43
CA ASP B 180 -16.54 9.15 1.94
C ASP B 180 -16.67 8.61 3.37
N TYR B 181 -17.32 9.36 4.22
CA TYR B 181 -17.43 8.96 5.60
C TYR B 181 -18.40 7.82 5.89
N GLN B 182 -18.94 7.22 4.87
CA GLN B 182 -19.91 6.19 5.07
C GLN B 182 -19.35 4.81 5.13
N ALA B 183 -18.03 4.66 4.93
CA ALA B 183 -17.38 3.33 4.85
C ALA B 183 -16.02 3.38 5.51
N TYR B 184 -15.75 2.46 6.40
CA TYR B 184 -14.47 2.36 7.04
C TYR B 184 -13.84 1.04 6.62
N PRO B 185 -12.62 1.12 6.00
CA PRO B 185 -11.95 -0.11 5.49
C PRO B 185 -11.23 -0.88 6.58
N GLU B 186 -11.95 -1.59 7.42
CA GLU B 186 -11.42 -2.11 8.65
C GLU B 186 -10.38 -3.23 8.50
N TYR B 187 -10.64 -4.16 7.58
CA TYR B 187 -9.79 -5.33 7.38
C TYR B 187 -9.51 -5.51 5.91
N LEU B 188 -8.25 -5.88 5.59
CA LEU B 188 -7.82 -6.21 4.24
C LEU B 188 -7.47 -7.68 4.26
N ILE B 189 -8.14 -8.43 3.38
CA ILE B 189 -7.89 -9.83 3.23
C ILE B 189 -7.11 -10.00 1.93
N THR B 190 -5.89 -10.57 2.03
CA THR B 190 -5.04 -10.91 0.87
C THR B 190 -5.10 -12.41 0.70
N PHE B 191 -5.43 -12.84 -0.51
CA PHE B 191 -5.69 -14.23 -0.79
C PHE B 191 -5.34 -14.59 -2.21
N ARG B 192 -5.34 -15.89 -2.49
CA ARG B 192 -5.10 -16.40 -3.81
C ARG B 192 -5.97 -17.62 -4.13
N LYS B 193 -5.99 -17.95 -5.42
CA LYS B 193 -6.71 -19.13 -5.90
C LYS B 193 -6.06 -20.45 -5.48
CAA FDR C . 11.56 -0.68 -9.89
OAB FDR C . 13.93 3.39 -9.15
CAC FDR C . 18.46 3.35 -10.96
CAD FDR C . 18.32 2.20 -11.98
CAE FDR C . 16.99 3.60 -10.53
NAF FDR C . 13.79 -0.35 -10.87
NAG FDR C . 12.87 1.40 -9.53
SAH FDR C . 16.24 0.08 -12.03
CAI FDR C . 12.80 0.14 -10.10
CAJ FDR C . 17.03 1.52 -11.67
CAK FDR C . 16.23 2.34 -10.82
CAL FDR C . 13.92 2.23 -9.67
CAM FDR C . 14.84 0.46 -11.03
CAN FDR C . 14.99 1.75 -10.48
C1 GOL D . 11.94 -3.81 -5.80
O1 GOL D . 12.62 -4.18 -7.02
C2 GOL D . 10.41 -3.98 -5.78
O2 GOL D . 9.99 -4.66 -4.61
C3 GOL D . 9.71 -2.62 -5.64
O3 GOL D . 9.92 -1.81 -6.74
CAA FDR E . -14.06 -2.13 -7.55
OAB FDR E . -16.12 -5.37 -4.77
CAC FDR E . -20.87 -5.94 -5.61
CAD FDR E . -21.00 -5.22 -6.88
CAE FDR E . -19.34 -5.98 -5.35
NAF FDR E . -16.43 -2.65 -7.82
NAG FDR E . -15.20 -3.83 -6.10
SAH FDR E . -19.07 -3.36 -8.17
CAI FDR E . -15.31 -2.93 -7.14
CAJ FDR E . -19.66 -4.51 -7.11
CAK FDR E . -18.74 -4.96 -6.21
CAL FDR E . -16.27 -4.57 -5.70
CAM FDR E . -17.51 -3.42 -7.45
CAN FDR E . -17.48 -4.35 -6.39
#